data_3AJE
#
_entry.id   3AJE
#
_cell.length_a   85.350
_cell.length_b   121.000
_cell.length_c   68.010
_cell.angle_alpha   90.00
_cell.angle_beta   90.00
_cell.angle_gamma   90.00
#
_symmetry.space_group_name_H-M   'C 2 2 2'
#
loop_
_entity.id
_entity.type
_entity.pdbx_description
1 polymer 'Putative uncharacterized protein ST1526'
2 non-polymer THREONINE
3 non-polymer 'PHOSPHOAMINOPHOSPHONIC ACID-ADENYLATE ESTER'
4 non-polymer 'NITRATE ION'
5 water water
#
_entity_poly.entity_id   1
_entity_poly.type   'polypeptide(L)'
_entity_poly.pdbx_seq_one_letter_code
;MTQIIKIDPLNPEIDKIKIAADVIRNGGTVAFPTETVYGLGANAFDGNACLKIFQAKNRPVDNPLIVHIADFNQLFEVAK
DIPDKVLEIAQIVWPGPLTFVLKKTERVPKEVTAGLDTVAVRMPAHPIALQLIRESGVPIAAPSANLATRPSPTKAEDVI
VDLNGRVDVIIDGGHTFFGVESTIINVTVEPPVLLRPGPFTIEELKKLFGEIVIPEFAQGKKEAEIALAPGMKYKHYAPN
TRLLLVENRNIFKDVVSLLSKKYKVALLIPKELSKEFEGLQQIILGSDENLYEVARNLFDSFRELDKLNVDLGIMIGFPE
RGIGFAIMNRARKASGFSIIKAISDVYKYVNI
;
_entity_poly.pdbx_strand_id   A
#
loop_
_chem_comp.id
_chem_comp.type
_chem_comp.name
_chem_comp.formula
ANP non-polymer 'PHOSPHOAMINOPHOSPHONIC ACID-ADENYLATE ESTER' 'C10 H17 N6 O12 P3'
NO3 non-polymer 'NITRATE ION' 'N O3 -1'
#
# COMPACT_ATOMS: atom_id res chain seq x y z
N THR A 2 20.99 2.56 -11.22
CA THR A 2 19.87 3.35 -10.64
C THR A 2 20.39 4.62 -9.96
N GLN A 3 19.84 5.77 -10.33
CA GLN A 3 20.26 7.00 -9.65
C GLN A 3 19.33 7.17 -8.46
N ILE A 4 19.92 7.32 -7.28
CA ILE A 4 19.12 7.52 -6.07
C ILE A 4 19.20 9.01 -5.79
N ILE A 5 18.04 9.65 -5.70
CA ILE A 5 18.02 11.10 -5.49
C ILE A 5 17.31 11.45 -4.19
N LYS A 6 18.00 12.12 -3.27
CA LYS A 6 17.40 12.52 -2.01
C LYS A 6 16.64 13.82 -2.22
N ILE A 7 15.35 13.82 -1.89
CA ILE A 7 14.51 15.01 -2.10
C ILE A 7 13.69 15.19 -0.85
N ASP A 8 13.61 16.44 -0.36
CA ASP A 8 12.83 16.71 0.86
C ASP A 8 11.38 16.43 0.53
N PRO A 9 10.74 15.57 1.30
CA PRO A 9 9.32 15.22 1.06
C PRO A 9 8.30 16.34 1.22
N LEU A 10 8.59 17.33 2.07
CA LEU A 10 7.62 18.39 2.29
C LEU A 10 7.87 19.69 1.53
N ASN A 11 9.12 19.94 1.16
CA ASN A 11 9.46 21.11 0.39
C ASN A 11 10.46 20.59 -0.63
N PRO A 12 9.98 19.83 -1.63
CA PRO A 12 10.92 19.30 -2.61
C PRO A 12 11.62 20.28 -3.53
N GLU A 13 12.91 20.05 -3.71
CA GLU A 13 13.75 20.85 -4.60
C GLU A 13 13.24 20.58 -6.01
N ILE A 14 12.58 21.55 -6.64
CA ILE A 14 12.03 21.30 -7.96
C ILE A 14 13.06 20.85 -9.00
N ASP A 15 14.31 21.34 -8.90
CA ASP A 15 15.32 20.92 -9.86
C ASP A 15 15.61 19.42 -9.78
N LYS A 16 15.55 18.85 -8.58
CA LYS A 16 15.78 17.43 -8.40
C LYS A 16 14.56 16.68 -8.97
N ILE A 17 13.37 17.19 -8.72
CA ILE A 17 12.15 16.57 -9.25
C ILE A 17 12.24 16.49 -10.76
N LYS A 18 12.74 17.57 -11.37
CA LYS A 18 12.85 17.63 -12.82
C LYS A 18 13.73 16.52 -13.39
N ILE A 19 14.76 16.12 -12.66
CA ILE A 19 15.67 15.05 -13.12
C ILE A 19 14.82 13.78 -13.32
N ALA A 20 14.01 13.48 -12.32
CA ALA A 20 13.18 12.29 -12.37
C ALA A 20 12.07 12.43 -13.43
N ALA A 21 11.48 13.62 -13.54
CA ALA A 21 10.42 13.82 -14.54
C ALA A 21 10.96 13.58 -15.95
N ASP A 22 12.20 13.97 -16.20
CA ASP A 22 12.82 13.76 -17.52
C ASP A 22 12.87 12.26 -17.83
N VAL A 23 13.13 11.45 -16.80
CA VAL A 23 13.20 9.99 -16.97
C VAL A 23 11.78 9.49 -17.28
N ILE A 24 10.78 10.00 -16.57
CA ILE A 24 9.41 9.57 -16.89
C ILE A 24 9.09 9.93 -18.36
N ARG A 25 9.40 11.15 -18.77
CA ARG A 25 9.07 11.57 -20.13
C ARG A 25 9.86 10.79 -21.17
N ASN A 26 10.97 10.21 -20.76
CA ASN A 26 11.81 9.44 -21.66
C ASN A 26 11.47 7.94 -21.66
N GLY A 27 10.37 7.56 -21.03
CA GLY A 27 9.96 6.15 -21.00
C GLY A 27 10.60 5.29 -19.92
N GLY A 28 11.25 5.94 -18.96
CA GLY A 28 11.91 5.24 -17.87
C GLY A 28 11.07 5.06 -16.62
N THR A 29 11.65 4.40 -15.62
CA THR A 29 10.96 4.11 -14.36
C THR A 29 11.54 4.86 -13.17
N VAL A 30 10.63 5.40 -12.35
CA VAL A 30 10.99 6.17 -11.17
C VAL A 30 10.21 5.68 -9.94
N ALA A 31 10.93 5.26 -8.90
CA ALA A 31 10.24 4.89 -7.66
C ALA A 31 10.17 6.21 -6.85
N PHE A 32 9.02 6.48 -6.25
CA PHE A 32 8.84 7.74 -5.49
C PHE A 32 7.89 7.53 -4.34
N PRO A 33 8.02 8.33 -3.26
CA PRO A 33 7.14 8.22 -2.10
C PRO A 33 5.75 8.84 -2.39
N THR A 34 4.74 8.38 -1.66
CA THR A 34 3.41 9.00 -1.70
C THR A 34 2.96 8.92 -0.22
N GLU A 35 1.74 9.38 0.09
CA GLU A 35 1.29 9.30 1.46
C GLU A 35 0.93 7.88 1.87
N THR A 36 0.80 6.94 0.93
CA THR A 36 0.45 5.56 1.30
C THR A 36 1.70 4.70 1.35
N VAL A 37 2.21 4.29 0.20
CA VAL A 37 3.42 3.49 0.08
C VAL A 37 4.22 4.04 -1.09
N TYR A 38 5.49 3.67 -1.22
CA TYR A 38 6.25 4.10 -2.39
C TYR A 38 5.66 3.42 -3.64
N GLY A 39 5.69 4.12 -4.76
CA GLY A 39 5.19 3.55 -5.99
C GLY A 39 6.32 3.50 -7.00
N LEU A 40 6.20 2.60 -7.98
CA LEU A 40 7.20 2.47 -9.03
C LEU A 40 6.44 2.95 -10.28
N GLY A 41 6.82 4.10 -10.78
CA GLY A 41 6.06 4.66 -11.89
C GLY A 41 6.69 4.83 -13.24
N ALA A 42 5.81 4.97 -14.23
CA ALA A 42 6.17 5.22 -15.61
C ALA A 42 5.03 6.03 -16.21
N ASN A 43 5.28 6.62 -17.37
CA ASN A 43 4.27 7.39 -18.09
C ASN A 43 3.04 6.52 -18.38
N ALA A 44 1.90 6.88 -17.80
CA ALA A 44 0.70 6.06 -17.98
C ALA A 44 0.20 5.91 -19.41
N PHE A 45 0.60 6.81 -20.30
CA PHE A 45 0.18 6.70 -21.70
C PHE A 45 1.12 5.81 -22.53
N ASP A 46 2.25 5.42 -21.95
CA ASP A 46 3.28 4.63 -22.63
C ASP A 46 3.25 3.17 -22.20
N GLY A 47 2.60 2.32 -22.99
CA GLY A 47 2.49 0.92 -22.62
C GLY A 47 3.83 0.26 -22.44
N ASN A 48 4.79 0.58 -23.32
CA ASN A 48 6.12 -0.03 -23.25
C ASN A 48 6.85 0.37 -21.98
N ALA A 49 6.67 1.62 -21.56
CA ALA A 49 7.29 2.09 -20.33
C ALA A 49 6.65 1.36 -19.16
N CYS A 50 5.33 1.24 -19.19
CA CYS A 50 4.62 0.56 -18.11
C CYS A 50 4.99 -0.91 -17.98
N LEU A 51 5.30 -1.56 -19.10
CA LEU A 51 5.73 -2.96 -19.07
C LEU A 51 7.03 -3.06 -18.25
N LYS A 52 7.81 -1.98 -18.23
CA LYS A 52 9.05 -2.00 -17.44
C LYS A 52 8.75 -2.12 -15.94
N ILE A 53 7.60 -1.62 -15.51
CA ILE A 53 7.20 -1.72 -14.10
C ILE A 53 6.99 -3.21 -13.76
N PHE A 54 6.26 -3.92 -14.61
CA PHE A 54 6.03 -5.35 -14.39
C PHE A 54 7.36 -6.11 -14.38
N GLN A 55 8.25 -5.80 -15.33
CA GLN A 55 9.55 -6.49 -15.40
C GLN A 55 10.38 -6.23 -14.13
N ALA A 56 10.40 -4.98 -13.67
CA ALA A 56 11.17 -4.67 -12.46
C ALA A 56 10.67 -5.41 -11.23
N LYS A 57 9.36 -5.55 -11.08
CA LYS A 57 8.78 -6.20 -9.90
C LYS A 57 8.59 -7.72 -10.05
N ASN A 58 8.72 -8.19 -11.28
CA ASN A 58 8.45 -9.59 -11.68
C ASN A 58 7.00 -9.85 -11.30
N ARG A 59 6.12 -8.98 -11.79
CA ARG A 59 4.70 -9.04 -11.47
C ARG A 59 3.92 -9.69 -12.60
N PRO A 60 2.91 -10.51 -12.27
CA PRO A 60 2.11 -11.14 -13.31
C PRO A 60 1.51 -10.01 -14.16
N VAL A 61 1.55 -10.13 -15.47
CA VAL A 61 1.06 -9.08 -16.35
C VAL A 61 -0.44 -8.78 -16.32
N ASP A 62 -1.23 -9.56 -15.59
CA ASP A 62 -2.66 -9.28 -15.59
C ASP A 62 -3.18 -8.59 -14.34
N ASN A 63 -2.26 -8.06 -13.52
CA ASN A 63 -2.65 -7.36 -12.28
C ASN A 63 -2.44 -5.89 -12.62
N PRO A 64 -3.54 -5.17 -12.94
CA PRO A 64 -3.63 -3.74 -13.32
C PRO A 64 -2.96 -2.73 -12.39
N LEU A 65 -2.60 -1.58 -12.95
CA LEU A 65 -1.90 -0.50 -12.23
C LEU A 65 -2.74 0.76 -11.94
N ILE A 66 -2.57 1.34 -10.75
CA ILE A 66 -3.29 2.58 -10.41
C ILE A 66 -2.57 3.76 -11.07
N VAL A 67 -3.34 4.62 -11.74
CA VAL A 67 -2.83 5.79 -12.43
C VAL A 67 -2.91 7.00 -11.48
N HIS A 68 -1.82 7.73 -11.37
CA HIS A 68 -1.75 8.89 -10.46
C HIS A 68 -1.78 10.19 -11.27
N ILE A 69 -2.64 11.12 -10.86
CA ILE A 69 -2.80 12.38 -11.56
C ILE A 69 -2.51 13.50 -10.55
N ALA A 70 -2.17 14.68 -11.05
CA ALA A 70 -1.87 15.82 -10.19
C ALA A 70 -2.90 16.94 -10.30
N ASP A 71 -3.80 16.85 -11.27
CA ASP A 71 -4.85 17.85 -11.45
C ASP A 71 -6.06 17.28 -12.21
N PHE A 72 -7.21 17.93 -12.14
CA PHE A 72 -8.39 17.38 -12.81
C PHE A 72 -8.41 17.32 -14.33
N ASN A 73 -7.63 18.17 -14.97
CA ASN A 73 -7.58 18.09 -16.43
C ASN A 73 -7.11 16.67 -16.75
N GLN A 74 -6.12 16.18 -15.99
CA GLN A 74 -5.61 14.85 -16.25
C GLN A 74 -6.63 13.74 -16.03
N LEU A 75 -7.54 13.93 -15.08
CA LEU A 75 -8.55 12.89 -14.80
C LEU A 75 -9.30 12.59 -16.09
N PHE A 76 -9.66 13.63 -16.82
CA PHE A 76 -10.42 13.46 -18.06
C PHE A 76 -9.61 12.92 -19.24
N GLU A 77 -8.30 12.88 -19.09
CA GLU A 77 -7.44 12.32 -20.12
C GLU A 77 -7.48 10.79 -20.02
N VAL A 78 -7.67 10.31 -18.80
CA VAL A 78 -7.65 8.87 -18.55
C VAL A 78 -8.99 8.19 -18.24
N ALA A 79 -9.97 8.95 -17.74
CA ALA A 79 -11.29 8.38 -17.41
C ALA A 79 -12.40 9.16 -18.11
N LYS A 80 -13.57 8.54 -18.20
CA LYS A 80 -14.68 9.19 -18.88
C LYS A 80 -15.99 8.69 -18.32
N ASP A 81 -17.08 9.36 -18.70
CA ASP A 81 -18.42 8.99 -18.23
C ASP A 81 -18.44 8.91 -16.69
N ILE A 82 -17.84 9.93 -16.06
CA ILE A 82 -17.78 10.01 -14.61
C ILE A 82 -19.06 10.60 -14.04
N PRO A 83 -19.71 9.92 -13.10
CA PRO A 83 -20.95 10.45 -12.52
C PRO A 83 -20.71 11.82 -11.86
N ASP A 84 -21.67 12.72 -11.98
CA ASP A 84 -21.56 14.05 -11.37
C ASP A 84 -21.21 13.98 -9.90
N LYS A 85 -21.85 13.06 -9.19
CA LYS A 85 -21.60 12.92 -7.76
C LYS A 85 -20.18 12.45 -7.47
N VAL A 86 -19.66 11.56 -8.29
CA VAL A 86 -18.28 11.10 -8.11
C VAL A 86 -17.31 12.26 -8.34
N LEU A 87 -17.55 13.06 -9.36
CA LEU A 87 -16.68 14.18 -9.61
C LEU A 87 -16.69 15.20 -8.44
N GLU A 88 -17.87 15.47 -7.91
CA GLU A 88 -17.97 16.43 -6.80
C GLU A 88 -17.17 15.90 -5.61
N ILE A 89 -17.31 14.61 -5.34
CA ILE A 89 -16.61 14.01 -4.21
C ILE A 89 -15.10 13.95 -4.46
N ALA A 90 -14.70 13.59 -5.69
CA ALA A 90 -13.26 13.53 -5.98
C ALA A 90 -12.63 14.90 -5.68
N GLN A 91 -13.36 15.98 -5.96
CA GLN A 91 -12.83 17.32 -5.73
C GLN A 91 -12.66 17.70 -4.28
N ILE A 92 -13.27 16.95 -3.37
CA ILE A 92 -13.09 17.26 -1.94
C ILE A 92 -12.19 16.23 -1.27
N VAL A 93 -12.07 15.02 -1.84
CA VAL A 93 -11.20 14.03 -1.20
C VAL A 93 -9.75 14.01 -1.74
N TRP A 94 -9.52 14.54 -2.92
CA TRP A 94 -8.20 14.56 -3.51
C TRP A 94 -7.52 15.93 -3.28
N PRO A 95 -6.19 15.95 -3.14
CA PRO A 95 -5.28 14.78 -3.17
C PRO A 95 -5.56 13.97 -1.90
N GLY A 96 -5.53 12.65 -1.99
CA GLY A 96 -5.80 11.83 -0.80
C GLY A 96 -5.66 10.35 -1.10
N PRO A 97 -5.67 9.47 -0.09
CA PRO A 97 -5.52 8.02 -0.22
C PRO A 97 -6.77 7.28 -0.62
N LEU A 98 -7.43 7.75 -1.67
CA LEU A 98 -8.65 7.12 -2.15
C LEU A 98 -8.55 6.99 -3.63
N THR A 99 -8.71 5.76 -4.12
CA THR A 99 -8.63 5.43 -5.53
C THR A 99 -10.01 5.10 -6.04
N PHE A 100 -10.37 5.64 -7.20
CA PHE A 100 -11.66 5.35 -7.83
C PHE A 100 -11.45 4.50 -9.08
N VAL A 101 -12.28 3.46 -9.25
CA VAL A 101 -12.23 2.66 -10.48
C VAL A 101 -13.31 3.31 -11.39
N LEU A 102 -12.90 3.75 -12.57
CA LEU A 102 -13.80 4.43 -13.50
C LEU A 102 -13.66 3.83 -14.90
N LYS A 103 -14.53 4.25 -15.81
CA LYS A 103 -14.43 3.78 -17.18
C LYS A 103 -13.23 4.47 -17.79
N LYS A 104 -12.40 3.73 -18.52
CA LYS A 104 -11.20 4.31 -19.12
C LYS A 104 -11.44 4.93 -20.47
N THR A 105 -10.50 5.79 -20.88
CA THR A 105 -10.56 6.43 -22.19
C THR A 105 -9.66 5.60 -23.08
N GLU A 106 -9.67 5.88 -24.37
CA GLU A 106 -8.83 5.14 -25.30
C GLU A 106 -7.36 5.47 -25.17
N ARG A 107 -7.01 6.47 -24.37
CA ARG A 107 -5.61 6.83 -24.20
C ARG A 107 -4.85 5.94 -23.17
N VAL A 108 -5.59 5.17 -22.37
CA VAL A 108 -4.97 4.31 -21.36
C VAL A 108 -4.61 2.97 -22.01
N PRO A 109 -3.31 2.62 -22.06
CA PRO A 109 -2.92 1.35 -22.70
C PRO A 109 -3.32 0.09 -21.96
N LYS A 110 -3.38 -1.02 -22.69
CA LYS A 110 -3.73 -2.31 -22.13
C LYS A 110 -2.78 -2.72 -21.00
N GLU A 111 -1.52 -2.31 -21.10
CA GLU A 111 -0.51 -2.63 -20.10
C GLU A 111 -0.87 -2.06 -18.72
N VAL A 112 -1.60 -0.95 -18.72
CA VAL A 112 -2.00 -0.31 -17.47
C VAL A 112 -3.26 -0.95 -16.89
N THR A 113 -4.22 -1.23 -17.76
CA THR A 113 -5.53 -1.79 -17.38
C THR A 113 -5.66 -3.31 -17.36
N ALA A 114 -4.66 -4.01 -17.87
CA ALA A 114 -4.71 -5.46 -17.98
C ALA A 114 -5.91 -5.86 -18.87
N GLY A 115 -6.17 -5.04 -19.89
CA GLY A 115 -7.25 -5.33 -20.81
C GLY A 115 -8.64 -4.97 -20.33
N LEU A 116 -8.78 -4.58 -19.06
CA LEU A 116 -10.09 -4.22 -18.50
C LEU A 116 -10.61 -2.97 -19.17
N ASP A 117 -11.91 -2.74 -19.06
CA ASP A 117 -12.55 -1.57 -19.65
C ASP A 117 -12.48 -0.43 -18.66
N THR A 118 -11.91 -0.68 -17.49
CA THR A 118 -11.87 0.35 -16.44
C THR A 118 -10.45 0.73 -16.08
N VAL A 119 -10.30 1.86 -15.38
CA VAL A 119 -8.97 2.32 -14.97
C VAL A 119 -9.11 2.82 -13.52
N ALA A 120 -8.10 2.54 -12.70
CA ALA A 120 -8.11 2.95 -11.29
C ALA A 120 -7.26 4.22 -11.23
N VAL A 121 -7.80 5.26 -10.61
CA VAL A 121 -7.12 6.57 -10.58
C VAL A 121 -7.15 7.20 -9.19
N ARG A 122 -6.06 7.88 -8.82
CA ARG A 122 -6.04 8.61 -7.57
C ARG A 122 -5.06 9.78 -7.73
N MET A 123 -5.23 10.79 -6.87
CA MET A 123 -4.36 11.98 -6.88
C MET A 123 -3.62 11.88 -5.54
N PRO A 124 -2.31 11.61 -5.57
CA PRO A 124 -1.52 11.45 -4.35
C PRO A 124 -1.29 12.68 -3.48
N ALA A 125 -1.54 12.55 -2.18
CA ALA A 125 -1.35 13.65 -1.24
C ALA A 125 0.08 13.64 -0.72
N HIS A 126 1.02 13.89 -1.62
CA HIS A 126 2.43 13.93 -1.24
C HIS A 126 3.10 14.92 -2.21
N PRO A 127 3.81 15.94 -1.66
CA PRO A 127 4.46 16.92 -2.54
C PRO A 127 5.39 16.35 -3.60
N ILE A 128 6.15 15.31 -3.26
CA ILE A 128 7.07 14.74 -4.25
C ILE A 128 6.28 14.09 -5.40
N ALA A 129 5.28 13.30 -5.04
CA ALA A 129 4.47 12.64 -6.07
C ALA A 129 3.77 13.66 -6.96
N LEU A 130 3.13 14.67 -6.37
CA LEU A 130 2.42 15.67 -7.15
C LEU A 130 3.36 16.44 -8.06
N GLN A 131 4.52 16.86 -7.53
CA GLN A 131 5.43 17.62 -8.35
C GLN A 131 6.01 16.74 -9.44
N LEU A 132 6.30 15.48 -9.13
CA LEU A 132 6.84 14.58 -10.15
C LEU A 132 5.84 14.50 -11.30
N ILE A 133 4.58 14.22 -10.98
CA ILE A 133 3.56 14.16 -12.03
C ILE A 133 3.42 15.48 -12.82
N ARG A 134 3.36 16.61 -12.10
CA ARG A 134 3.22 17.90 -12.76
C ARG A 134 4.36 18.19 -13.72
N GLU A 135 5.60 17.98 -13.26
CA GLU A 135 6.77 18.24 -14.09
C GLU A 135 6.90 17.22 -15.22
N SER A 136 6.41 16.00 -15.01
CA SER A 136 6.46 15.02 -16.10
C SER A 136 5.44 15.39 -17.17
N GLY A 137 4.37 16.06 -16.77
CA GLY A 137 3.33 16.44 -17.71
C GLY A 137 2.44 15.29 -18.16
N VAL A 138 2.44 14.18 -17.41
CA VAL A 138 1.63 13.03 -17.77
C VAL A 138 1.23 12.26 -16.52
N PRO A 139 0.08 11.56 -16.56
CA PRO A 139 -0.36 10.76 -15.40
C PRO A 139 0.71 9.69 -15.27
N ILE A 140 0.92 9.20 -14.05
CA ILE A 140 1.94 8.19 -13.82
C ILE A 140 1.32 6.89 -13.27
N ALA A 141 1.51 5.77 -13.97
CA ALA A 141 0.98 4.48 -13.50
C ALA A 141 1.94 4.02 -12.43
N ALA A 142 1.45 3.54 -11.29
CA ALA A 142 2.40 3.17 -10.29
C ALA A 142 1.91 2.27 -9.16
N PRO A 143 2.23 0.97 -9.22
CA PRO A 143 1.82 0.04 -8.16
C PRO A 143 2.89 0.20 -7.08
N SER A 144 2.79 -0.55 -5.99
CA SER A 144 3.82 -0.44 -4.94
C SER A 144 5.22 -0.78 -5.48
N ALA A 145 6.23 -0.10 -4.95
CA ALA A 145 7.61 -0.30 -5.43
C ALA A 145 8.38 -1.40 -4.71
N ASN A 146 7.87 -2.62 -4.81
CA ASN A 146 8.56 -3.75 -4.17
C ASN A 146 8.66 -4.93 -5.12
N LEU A 147 9.53 -5.87 -4.81
CA LEU A 147 9.55 -7.10 -5.60
C LEU A 147 8.23 -7.81 -5.29
N ALA A 148 7.77 -8.63 -6.24
CA ALA A 148 6.50 -9.36 -6.20
C ALA A 148 5.94 -9.96 -4.91
N THR A 149 6.78 -10.56 -4.10
CA THR A 149 6.26 -11.18 -2.89
C THR A 149 6.64 -10.49 -1.59
N ARG A 150 7.33 -9.36 -1.69
CA ARG A 150 7.74 -8.63 -0.49
C ARG A 150 6.69 -7.63 -0.09
N PRO A 151 6.67 -7.22 1.19
CA PRO A 151 5.69 -6.24 1.66
C PRO A 151 5.88 -4.90 0.95
N SER A 152 4.79 -4.15 0.77
CA SER A 152 4.86 -2.85 0.11
C SER A 152 5.87 -1.97 0.86
N PRO A 153 6.71 -1.22 0.13
CA PRO A 153 7.70 -0.38 0.82
C PRO A 153 7.16 0.89 1.41
N THR A 154 7.65 1.26 2.58
CA THR A 154 7.19 2.49 3.17
C THR A 154 8.34 3.45 3.46
N LYS A 155 9.56 3.05 3.10
CA LYS A 155 10.72 3.94 3.26
C LYS A 155 11.66 3.62 2.12
N ALA A 156 12.53 4.59 1.81
CA ALA A 156 13.46 4.46 0.72
C ALA A 156 14.32 3.21 0.76
N GLU A 157 14.79 2.85 1.95
CA GLU A 157 15.67 1.69 2.05
C GLU A 157 15.00 0.40 1.55
N ASP A 158 13.68 0.29 1.76
CA ASP A 158 12.88 -0.87 1.33
C ASP A 158 12.95 -0.96 -0.21
N VAL A 159 12.80 0.18 -0.87
CA VAL A 159 12.82 0.24 -2.34
C VAL A 159 14.21 -0.09 -2.90
N ILE A 160 15.22 0.41 -2.19
CA ILE A 160 16.60 0.20 -2.61
C ILE A 160 16.92 -1.27 -2.52
N VAL A 161 16.59 -1.90 -1.40
CA VAL A 161 16.85 -3.32 -1.23
C VAL A 161 16.12 -4.13 -2.30
N ASP A 162 14.90 -3.74 -2.63
CA ASP A 162 14.14 -4.50 -3.63
C ASP A 162 14.48 -4.20 -5.10
N LEU A 163 14.67 -2.93 -5.41
CA LEU A 163 14.79 -2.52 -6.81
C LEU A 163 16.04 -1.83 -7.29
N ASN A 164 17.03 -1.66 -6.43
CA ASN A 164 18.27 -1.05 -6.87
C ASN A 164 18.83 -1.91 -8.02
N GLY A 165 19.15 -1.27 -9.14
CA GLY A 165 19.67 -1.99 -10.29
C GLY A 165 18.58 -2.46 -11.24
N ARG A 166 17.33 -2.27 -10.85
CA ARG A 166 16.20 -2.73 -11.66
C ARG A 166 15.32 -1.61 -12.19
N VAL A 167 15.57 -0.38 -11.71
CA VAL A 167 14.80 0.79 -12.12
C VAL A 167 15.74 1.95 -12.41
N ASP A 168 15.27 2.95 -13.14
CA ASP A 168 16.15 4.05 -13.48
C ASP A 168 16.45 5.02 -12.38
N VAL A 169 15.44 5.33 -11.57
CA VAL A 169 15.60 6.30 -10.49
C VAL A 169 14.81 5.87 -9.27
N ILE A 170 15.37 6.13 -8.09
CA ILE A 170 14.69 5.90 -6.83
C ILE A 170 14.82 7.24 -6.07
N ILE A 171 13.68 7.89 -5.78
CA ILE A 171 13.68 9.16 -5.05
C ILE A 171 13.63 8.78 -3.57
N ASP A 172 14.62 9.17 -2.79
CA ASP A 172 14.62 8.86 -1.37
C ASP A 172 13.92 10.03 -0.72
N GLY A 173 12.64 9.87 -0.41
CA GLY A 173 11.86 10.94 0.18
C GLY A 173 11.36 10.66 1.58
N GLY A 174 12.09 9.86 2.34
CA GLY A 174 11.68 9.59 3.70
C GLY A 174 10.61 8.52 3.81
N HIS A 175 10.00 8.44 4.98
CA HIS A 175 8.98 7.43 5.24
C HIS A 175 7.61 7.91 4.76
N THR A 176 6.77 7.00 4.28
CA THR A 176 5.44 7.40 3.84
C THR A 176 4.56 7.66 5.05
N PHE A 177 3.55 8.50 4.88
CA PHE A 177 2.69 8.91 5.99
C PHE A 177 1.80 7.82 6.56
N PHE A 178 1.00 7.18 5.72
CA PHE A 178 0.09 6.14 6.22
C PHE A 178 0.66 4.75 6.29
N GLY A 179 1.48 4.40 5.31
CA GLY A 179 2.13 3.09 5.29
C GLY A 179 1.28 1.97 4.73
N VAL A 180 0.02 2.23 4.40
CA VAL A 180 -0.76 1.14 3.78
C VAL A 180 -1.37 1.72 2.51
N GLU A 181 -1.58 0.85 1.54
CA GLU A 181 -2.07 1.25 0.23
C GLU A 181 -3.42 1.94 0.25
N SER A 182 -3.66 2.77 -0.76
CA SER A 182 -4.91 3.52 -0.84
C SER A 182 -6.18 2.69 -0.86
N THR A 183 -7.23 3.28 -0.30
CA THR A 183 -8.54 2.67 -0.32
C THR A 183 -8.96 2.67 -1.79
N ILE A 184 -9.55 1.56 -2.26
CA ILE A 184 -10.03 1.49 -3.65
C ILE A 184 -11.53 1.23 -3.65
N ILE A 185 -12.27 2.08 -4.37
CA ILE A 185 -13.72 1.90 -4.49
C ILE A 185 -14.06 1.87 -5.96
N ASN A 186 -14.97 0.97 -6.32
CA ASN A 186 -15.37 0.88 -7.71
C ASN A 186 -16.67 1.66 -7.85
N VAL A 187 -16.67 2.71 -8.67
CA VAL A 187 -17.87 3.49 -8.86
C VAL A 187 -18.42 3.36 -10.29
N THR A 188 -18.12 2.24 -10.94
CA THR A 188 -18.65 2.00 -12.27
C THR A 188 -19.89 1.13 -12.04
N VAL A 189 -20.04 0.68 -10.81
CA VAL A 189 -21.19 -0.15 -10.44
C VAL A 189 -21.99 0.60 -9.39
N GLU A 190 -23.28 0.29 -9.30
CA GLU A 190 -24.16 0.93 -8.34
C GLU A 190 -24.97 -0.15 -7.63
N PRO A 191 -24.89 -0.21 -6.29
CA PRO A 191 -24.12 0.67 -5.43
C PRO A 191 -22.60 0.45 -5.59
N PRO A 192 -21.79 1.44 -5.19
CA PRO A 192 -20.34 1.26 -5.33
C PRO A 192 -19.84 0.13 -4.43
N VAL A 193 -18.66 -0.37 -4.75
CA VAL A 193 -18.10 -1.48 -4.00
C VAL A 193 -16.67 -1.21 -3.54
N LEU A 194 -16.41 -1.52 -2.27
CA LEU A 194 -15.08 -1.35 -1.67
C LEU A 194 -14.22 -2.50 -2.16
N LEU A 195 -13.15 -2.22 -2.88
CA LEU A 195 -12.28 -3.28 -3.39
C LEU A 195 -11.07 -3.48 -2.51
N ARG A 196 -10.68 -2.44 -1.77
CA ARG A 196 -9.53 -2.55 -0.88
C ARG A 196 -9.63 -1.50 0.20
N PRO A 197 -9.61 -1.92 1.48
CA PRO A 197 -9.67 -0.98 2.60
C PRO A 197 -8.34 -0.24 2.62
N GLY A 198 -8.35 1.01 3.06
CA GLY A 198 -7.10 1.76 3.11
C GLY A 198 -7.23 2.89 4.12
N PRO A 199 -6.37 3.93 4.05
CA PRO A 199 -6.40 5.06 4.97
C PRO A 199 -7.68 5.85 4.94
N PHE A 200 -8.36 5.87 3.77
CA PHE A 200 -9.64 6.53 3.65
C PHE A 200 -10.64 5.51 4.20
N THR A 201 -11.21 5.84 5.36
CA THR A 201 -12.04 4.87 6.08
C THR A 201 -13.42 4.54 5.56
N ILE A 202 -13.89 3.38 5.98
CA ILE A 202 -15.22 2.89 5.64
C ILE A 202 -16.22 3.87 6.23
N GLU A 203 -15.92 4.32 7.45
CA GLU A 203 -16.78 5.28 8.15
C GLU A 203 -16.98 6.51 7.28
N GLU A 204 -15.91 7.06 6.71
CA GLU A 204 -16.07 8.23 5.85
C GLU A 204 -16.77 7.91 4.52
N LEU A 205 -16.41 6.78 3.90
CA LEU A 205 -17.04 6.38 2.65
C LEU A 205 -18.56 6.24 2.78
N LYS A 206 -19.00 5.72 3.91
CA LYS A 206 -20.43 5.54 4.13
C LYS A 206 -21.18 6.85 4.28
N LYS A 207 -20.47 7.91 4.65
CA LYS A 207 -21.11 9.21 4.78
C LYS A 207 -21.18 9.86 3.40
N LEU A 208 -20.31 9.44 2.50
CA LEU A 208 -20.27 9.99 1.15
C LEU A 208 -21.05 9.10 0.18
N PHE A 209 -20.96 7.80 0.38
CA PHE A 209 -21.63 6.80 -0.45
C PHE A 209 -22.37 5.89 0.53
N GLY A 210 -23.57 6.32 0.94
CA GLY A 210 -24.33 5.56 1.89
C GLY A 210 -24.64 4.13 1.49
N GLU A 211 -24.70 3.92 0.19
CA GLU A 211 -25.03 2.61 -0.37
C GLU A 211 -23.83 1.72 -0.66
N ILE A 212 -22.63 2.15 -0.30
CA ILE A 212 -21.45 1.33 -0.59
C ILE A 212 -21.52 -0.07 -0.01
N VAL A 213 -21.11 -1.04 -0.83
CA VAL A 213 -21.09 -2.45 -0.45
C VAL A 213 -19.71 -2.88 -0.02
N ILE A 214 -19.60 -3.43 1.18
CA ILE A 214 -18.32 -3.90 1.69
C ILE A 214 -18.23 -5.42 1.59
N PRO A 215 -17.30 -5.93 0.76
CA PRO A 215 -17.12 -7.38 0.59
C PRO A 215 -16.67 -8.04 1.88
N HIS A 236 1.04 -12.27 -3.07
CA HIS A 236 0.74 -11.69 -1.72
C HIS A 236 1.95 -11.01 -1.11
N TYR A 237 1.79 -9.78 -0.67
CA TYR A 237 2.89 -9.10 -0.01
C TYR A 237 2.71 -9.54 1.44
N ALA A 238 3.47 -10.56 1.83
CA ALA A 238 3.39 -11.09 3.19
C ALA A 238 4.77 -11.62 3.49
N PRO A 239 5.07 -11.87 4.73
CA PRO A 239 6.43 -12.35 4.99
C PRO A 239 6.49 -13.82 4.62
N ASN A 240 7.68 -14.37 4.48
CA ASN A 240 7.81 -15.77 4.14
C ASN A 240 7.74 -16.64 5.40
N THR A 241 8.09 -16.05 6.53
CA THR A 241 8.04 -16.75 7.81
C THR A 241 6.56 -16.97 8.13
N ARG A 242 6.22 -18.11 8.73
CA ARG A 242 4.83 -18.36 9.09
C ARG A 242 4.36 -17.21 9.99
N LEU A 243 3.12 -16.78 9.83
CA LEU A 243 2.60 -15.67 10.64
C LEU A 243 1.17 -16.00 11.05
N LEU A 244 0.91 -16.00 12.35
CA LEU A 244 -0.43 -16.27 12.87
C LEU A 244 -0.99 -14.96 13.40
N LEU A 245 -2.26 -14.71 13.13
CA LEU A 245 -2.91 -13.51 13.62
C LEU A 245 -3.91 -13.95 14.68
N VAL A 246 -3.75 -13.41 15.89
CA VAL A 246 -4.63 -13.72 17.02
C VAL A 246 -5.60 -12.56 17.20
N GLU A 247 -6.78 -12.70 16.59
CA GLU A 247 -7.78 -11.66 16.65
C GLU A 247 -8.42 -11.51 18.00
N ASN A 248 -8.39 -12.57 18.82
CA ASN A 248 -8.99 -12.52 20.15
C ASN A 248 -7.95 -12.15 21.19
N ARG A 249 -7.92 -10.88 21.61
CA ARG A 249 -6.93 -10.42 22.58
C ARG A 249 -7.01 -11.10 23.94
N ASN A 250 -8.18 -11.65 24.26
CA ASN A 250 -8.36 -12.32 25.56
C ASN A 250 -7.60 -13.62 25.71
N ILE A 251 -7.08 -14.17 24.60
CA ILE A 251 -6.31 -15.41 24.65
C ILE A 251 -4.89 -15.24 24.15
N PHE A 252 -4.49 -14.00 23.85
CA PHE A 252 -3.16 -13.77 23.30
C PHE A 252 -2.02 -14.33 24.17
N LYS A 253 -2.02 -13.97 25.44
CA LYS A 253 -0.96 -14.43 26.34
C LYS A 253 -0.88 -15.94 26.40
N ASP A 254 -2.03 -16.61 26.46
CA ASP A 254 -2.05 -18.06 26.50
C ASP A 254 -1.64 -18.68 25.18
N VAL A 255 -1.97 -18.02 24.07
CA VAL A 255 -1.57 -18.55 22.76
C VAL A 255 -0.04 -18.48 22.67
N VAL A 256 0.53 -17.38 23.13
CA VAL A 256 1.97 -17.17 23.10
C VAL A 256 2.69 -18.20 23.99
N SER A 257 2.13 -18.45 25.17
CA SER A 257 2.73 -19.42 26.07
C SER A 257 2.72 -20.83 25.48
N LEU A 258 1.62 -21.20 24.85
CA LEU A 258 1.49 -22.51 24.23
C LEU A 258 2.48 -22.72 23.07
N LEU A 259 2.55 -21.74 22.20
CA LEU A 259 3.41 -21.81 21.03
C LEU A 259 4.89 -21.60 21.31
N SER A 260 5.24 -20.67 22.19
CA SER A 260 6.64 -20.39 22.45
C SER A 260 7.33 -21.56 23.12
N LYS A 261 6.53 -22.51 23.61
CA LYS A 261 7.09 -23.70 24.25
C LYS A 261 7.68 -24.61 23.19
N LYS A 262 7.00 -24.71 22.06
CA LYS A 262 7.41 -25.57 20.95
C LYS A 262 8.08 -24.86 19.77
N TYR A 263 8.09 -23.53 19.80
CA TYR A 263 8.67 -22.77 18.69
C TYR A 263 9.45 -21.53 19.11
N LYS A 264 10.38 -21.10 18.26
CA LYS A 264 11.10 -19.85 18.52
C LYS A 264 10.16 -18.83 17.86
N VAL A 265 9.58 -17.95 18.66
CA VAL A 265 8.61 -17.01 18.12
C VAL A 265 9.03 -15.55 18.13
N ALA A 266 8.32 -14.76 17.32
CA ALA A 266 8.52 -13.33 17.27
C ALA A 266 7.12 -12.76 17.45
N LEU A 267 6.95 -11.86 18.42
CA LEU A 267 5.64 -11.28 18.64
C LEU A 267 5.49 -9.90 18.00
N LEU A 268 4.46 -9.72 17.18
CA LEU A 268 4.20 -8.41 16.57
C LEU A 268 3.11 -7.80 17.45
N ILE A 269 3.50 -6.82 18.25
CA ILE A 269 2.61 -6.26 19.24
C ILE A 269 2.74 -4.77 19.47
N PRO A 270 1.75 -4.19 20.16
CA PRO A 270 1.74 -2.76 20.51
C PRO A 270 2.73 -2.62 21.68
N LYS A 271 3.34 -1.44 21.80
CA LYS A 271 4.31 -1.20 22.87
C LYS A 271 3.73 -1.47 24.26
N GLU A 272 2.42 -1.28 24.41
CA GLU A 272 1.75 -1.51 25.70
C GLU A 272 1.81 -2.95 26.23
N LEU A 273 2.14 -3.90 25.36
CA LEU A 273 2.23 -5.29 25.78
C LEU A 273 3.68 -5.79 25.90
N SER A 274 4.65 -4.91 25.62
CA SER A 274 6.06 -5.29 25.67
C SER A 274 6.49 -5.92 26.99
N LYS A 275 6.18 -5.25 28.09
CA LYS A 275 6.56 -5.74 29.40
C LYS A 275 5.99 -7.11 29.72
N GLU A 276 4.79 -7.36 29.24
CA GLU A 276 4.13 -8.63 29.48
C GLU A 276 4.85 -9.81 28.85
N PHE A 277 5.67 -9.54 27.84
CA PHE A 277 6.39 -10.63 27.14
C PHE A 277 7.91 -10.47 27.09
N GLU A 278 8.51 -9.86 28.10
CA GLU A 278 9.97 -9.72 28.04
C GLU A 278 10.62 -11.11 28.04
N GLY A 279 11.64 -11.27 27.21
CA GLY A 279 12.34 -12.54 27.10
C GLY A 279 12.14 -13.15 25.71
N LEU A 280 11.01 -12.81 25.08
CA LEU A 280 10.66 -13.29 23.75
C LEU A 280 10.98 -12.22 22.71
N GLN A 281 11.32 -12.64 21.49
CA GLN A 281 11.61 -11.70 20.41
C GLN A 281 10.35 -10.89 20.13
N GLN A 282 10.47 -9.57 20.10
CA GLN A 282 9.27 -8.73 19.86
C GLN A 282 9.54 -7.80 18.71
N ILE A 283 8.49 -7.47 17.95
CA ILE A 283 8.58 -6.50 16.88
C ILE A 283 7.49 -5.51 17.28
N ILE A 284 7.89 -4.34 17.77
CA ILE A 284 6.90 -3.36 18.23
C ILE A 284 6.27 -2.59 17.11
N LEU A 285 4.95 -2.69 17.01
CA LEU A 285 4.18 -2.03 15.94
C LEU A 285 3.87 -0.55 16.18
N GLY A 286 3.81 -0.17 17.44
CA GLY A 286 3.49 1.21 17.78
C GLY A 286 2.61 1.19 19.01
N SER A 287 1.84 2.25 19.23
CA SER A 287 0.97 2.33 20.39
C SER A 287 -0.48 1.95 20.12
N ASP A 288 -1.10 1.26 21.07
CA ASP A 288 -2.50 0.88 20.94
C ASP A 288 -3.37 2.11 20.84
N GLU A 289 -2.87 3.22 21.37
CA GLU A 289 -3.64 4.45 21.37
C GLU A 289 -3.55 5.23 20.07
N ASN A 290 -2.73 4.76 19.13
CA ASN A 290 -2.59 5.42 17.83
C ASN A 290 -2.43 4.41 16.71
N LEU A 291 -3.55 3.98 16.12
CA LEU A 291 -3.52 3.01 15.05
C LEU A 291 -2.79 3.49 13.80
N TYR A 292 -2.63 4.81 13.61
CA TYR A 292 -1.91 5.30 12.44
C TYR A 292 -0.44 4.96 12.58
N GLU A 293 0.01 4.84 13.82
CA GLU A 293 1.39 4.50 14.16
C GLU A 293 1.53 3.01 13.74
N VAL A 294 0.62 2.17 14.19
CA VAL A 294 0.65 0.76 13.82
C VAL A 294 0.64 0.55 12.31
N ALA A 295 -0.26 1.25 11.61
CA ALA A 295 -0.35 1.13 10.16
C ALA A 295 0.96 1.56 9.50
N ARG A 296 1.55 2.63 10.02
CA ARG A 296 2.80 3.15 9.47
C ARG A 296 3.96 2.17 9.60
N ASN A 297 3.95 1.34 10.64
CA ASN A 297 5.03 0.36 10.87
C ASN A 297 4.75 -1.08 10.49
N LEU A 298 3.53 -1.33 10.03
CA LEU A 298 3.14 -2.70 9.72
C LEU A 298 3.99 -3.44 8.68
N PHE A 299 4.12 -2.90 7.47
CA PHE A 299 4.86 -3.61 6.44
C PHE A 299 6.34 -3.79 6.80
N ASP A 300 6.93 -2.79 7.44
CA ASP A 300 8.31 -2.95 7.82
C ASP A 300 8.48 -3.97 8.96
N SER A 301 7.43 -4.19 9.73
CA SER A 301 7.48 -5.20 10.81
C SER A 301 7.45 -6.58 10.15
N PHE A 302 6.74 -6.71 9.02
CA PHE A 302 6.70 -7.98 8.28
C PHE A 302 8.10 -8.23 7.70
N ARG A 303 8.76 -7.17 7.23
CA ARG A 303 10.11 -7.34 6.68
C ARG A 303 11.05 -7.77 7.79
N GLU A 304 10.89 -7.17 8.95
CA GLU A 304 11.76 -7.51 10.05
C GLU A 304 11.59 -8.96 10.43
N LEU A 305 10.35 -9.44 10.41
CA LEU A 305 10.09 -10.82 10.76
C LEU A 305 10.95 -11.78 9.93
N ASP A 306 11.11 -11.48 8.65
CA ASP A 306 11.89 -12.35 7.77
C ASP A 306 13.40 -12.23 7.94
N LYS A 307 13.84 -11.11 8.52
CA LYS A 307 15.26 -10.88 8.74
C LYS A 307 15.65 -11.68 9.98
N LEU A 308 14.71 -11.80 10.91
CA LEU A 308 14.96 -12.54 12.15
C LEU A 308 15.05 -14.00 11.78
N ASN A 309 15.51 -14.81 12.71
CA ASN A 309 15.60 -16.23 12.43
C ASN A 309 14.67 -16.93 13.40
N VAL A 310 13.37 -16.89 13.10
CA VAL A 310 12.38 -17.52 13.96
C VAL A 310 11.51 -18.47 13.16
N ASP A 311 10.80 -19.32 13.89
CA ASP A 311 9.90 -20.32 13.30
C ASP A 311 8.57 -19.67 12.94
N LEU A 312 8.13 -18.70 13.72
CA LEU A 312 6.86 -18.07 13.38
C LEU A 312 6.63 -16.76 14.07
N GLY A 313 5.86 -15.91 13.41
CA GLY A 313 5.52 -14.61 13.96
C GLY A 313 4.10 -14.75 14.50
N ILE A 314 3.80 -14.03 15.58
CA ILE A 314 2.47 -14.08 16.17
C ILE A 314 2.09 -12.64 16.36
N MET A 315 1.09 -12.21 15.61
CA MET A 315 0.64 -10.85 15.69
C MET A 315 -0.69 -10.75 16.43
N ILE A 316 -0.83 -9.73 17.26
CA ILE A 316 -2.11 -9.53 17.95
C ILE A 316 -3.07 -8.66 17.11
N GLY A 317 -4.37 -8.93 17.22
CA GLY A 317 -5.35 -8.17 16.47
C GLY A 317 -5.51 -6.76 16.98
N PHE A 318 -6.14 -5.91 16.16
CA PHE A 318 -6.38 -4.52 16.52
C PHE A 318 -7.82 -4.17 16.22
N PRO A 319 -8.34 -3.09 16.84
CA PRO A 319 -9.73 -2.68 16.60
C PRO A 319 -9.92 -2.40 15.11
N GLU A 320 -11.13 -2.56 14.60
CA GLU A 320 -11.32 -2.29 13.19
C GLU A 320 -11.84 -0.88 12.91
N ARG A 321 -11.82 -0.03 13.93
CA ARG A 321 -12.28 1.32 13.73
C ARG A 321 -11.28 2.03 12.82
N GLY A 322 -11.78 2.88 11.92
CA GLY A 322 -10.92 3.63 11.04
C GLY A 322 -9.89 2.82 10.27
N ILE A 323 -8.61 3.22 10.38
CA ILE A 323 -7.53 2.53 9.65
C ILE A 323 -7.28 1.13 10.23
N GLY A 324 -7.88 0.83 11.38
CA GLY A 324 -7.74 -0.48 11.99
C GLY A 324 -8.25 -1.52 11.02
N PHE A 325 -9.31 -1.18 10.28
CA PHE A 325 -9.87 -2.10 9.31
C PHE A 325 -8.86 -2.47 8.23
N ALA A 326 -8.13 -1.48 7.73
CA ALA A 326 -7.12 -1.73 6.70
C ALA A 326 -5.97 -2.55 7.33
N ILE A 327 -5.59 -2.23 8.56
CA ILE A 327 -4.52 -2.98 9.25
C ILE A 327 -4.88 -4.46 9.28
N MET A 328 -6.09 -4.75 9.74
CA MET A 328 -6.52 -6.14 9.84
C MET A 328 -6.65 -6.83 8.52
N ASN A 329 -7.08 -6.09 7.48
CA ASN A 329 -7.20 -6.65 6.16
C ASN A 329 -5.83 -7.12 5.65
N ARG A 330 -4.80 -6.28 5.82
CA ARG A 330 -3.46 -6.64 5.35
C ARG A 330 -2.88 -7.76 6.20
N ALA A 331 -3.15 -7.72 7.50
CA ALA A 331 -2.63 -8.74 8.42
C ALA A 331 -3.27 -10.11 8.10
N ARG A 332 -4.56 -10.13 7.85
CA ARG A 332 -5.22 -11.40 7.52
C ARG A 332 -4.56 -12.00 6.29
N LYS A 333 -4.37 -11.19 5.25
CA LYS A 333 -3.74 -11.66 4.03
C LYS A 333 -2.31 -12.05 4.25
N ALA A 334 -1.58 -11.27 5.02
CA ALA A 334 -0.18 -11.58 5.25
C ALA A 334 -0.01 -12.90 5.99
N SER A 335 -0.99 -13.24 6.83
CA SER A 335 -0.93 -14.46 7.61
C SER A 335 -1.45 -15.65 6.82
N GLY A 336 -1.78 -15.42 5.55
CA GLY A 336 -2.31 -16.49 4.71
C GLY A 336 -3.60 -16.97 5.35
N PHE A 337 -4.30 -16.04 5.99
CA PHE A 337 -5.54 -16.31 6.70
C PHE A 337 -5.38 -17.38 7.77
N SER A 338 -4.30 -17.25 8.54
CA SER A 338 -4.04 -18.16 9.65
C SER A 338 -4.52 -17.37 10.85
N ILE A 339 -5.82 -17.43 11.10
CA ILE A 339 -6.42 -16.67 12.17
C ILE A 339 -6.81 -17.48 13.41
N ILE A 340 -6.38 -16.98 14.57
CA ILE A 340 -6.68 -17.62 15.84
C ILE A 340 -7.73 -16.79 16.58
N LYS A 341 -8.96 -17.31 16.72
CA LYS A 341 -9.99 -16.58 17.47
C LYS A 341 -10.35 -17.35 18.74
N ALA A 342 -10.07 -18.66 18.71
CA ALA A 342 -10.32 -19.55 19.84
C ALA A 342 -9.00 -20.28 20.10
N ILE A 343 -8.61 -20.42 21.36
CA ILE A 343 -7.36 -21.08 21.68
C ILE A 343 -7.21 -22.44 20.98
N SER A 344 -8.32 -23.15 20.80
CA SER A 344 -8.24 -24.45 20.14
C SER A 344 -7.92 -24.29 18.65
N ASP A 345 -7.94 -23.07 18.13
CA ASP A 345 -7.60 -22.87 16.71
C ASP A 345 -6.11 -23.18 16.49
N VAL A 346 -5.33 -23.13 17.57
CA VAL A 346 -3.90 -23.41 17.49
C VAL A 346 -3.67 -24.76 16.81
N TYR A 347 -4.69 -25.62 16.87
CA TYR A 347 -4.59 -26.93 16.25
C TYR A 347 -4.59 -26.82 14.72
N LYS A 348 -5.42 -25.90 14.21
CA LYS A 348 -5.57 -25.67 12.78
C LYS A 348 -4.33 -25.15 12.06
N TYR A 349 -3.64 -24.19 12.65
CA TYR A 349 -2.47 -23.58 12.00
C TYR A 349 -1.11 -23.80 12.63
N VAL A 350 -0.97 -24.85 13.44
CA VAL A 350 0.31 -25.13 14.09
C VAL A 350 0.15 -26.23 15.13
N THR B . -0.45 2.80 -5.92
CA THR B . -0.20 2.95 -4.46
C THR B . -1.52 3.23 -3.73
O THR B . -2.57 3.38 -4.39
CB THR B . 0.73 4.15 -4.17
OG1 THR B . 0.06 5.35 -4.56
CG2 THR B . 2.06 4.04 -4.96
OXT THR B . -1.46 3.27 -2.50
PG ANP C . -0.60 -3.74 -3.37
O1G ANP C . -0.93 -5.16 -3.67
O2G ANP C . 0.96 -3.34 -3.32
O3G ANP C . -1.28 -3.37 -1.94
PB ANP C . -0.15 -3.02 -5.87
O1B ANP C . 1.32 -2.97 -5.74
O2B ANP C . -0.76 -4.19 -6.55
N3B ANP C . -1.00 -2.68 -4.53
PA ANP C . -1.60 -0.63 -6.57
O1A ANP C . -1.48 0.09 -5.27
O2A ANP C . -1.60 0.09 -7.89
O3A ANP C . -0.49 -1.76 -6.85
O5' ANP C . -2.97 -1.48 -6.50
C5' ANP C . -3.19 -2.49 -7.51
C4' ANP C . -4.62 -3.02 -7.38
O4' ANP C . -5.53 -2.04 -7.89
C3' ANP C . -4.88 -4.17 -8.34
O3' ANP C . -4.22 -5.29 -7.75
C2' ANP C . -6.42 -4.19 -8.18
O2' ANP C . -6.82 -4.66 -6.88
C1' ANP C . -6.63 -2.69 -8.37
N9 ANP C . -7.19 -2.18 -9.47
C8 ANP C . -6.50 -1.42 -10.31
N7 ANP C . -7.24 -1.25 -11.39
C5 ANP C . -8.40 -1.90 -11.24
C6 ANP C . -9.55 -2.04 -12.03
N6 ANP C . -9.63 -1.41 -13.21
N1 ANP C . -10.55 -2.76 -11.51
C2 ANP C . -10.53 -3.35 -10.34
N3 ANP C . -9.44 -3.24 -9.58
C4 ANP C . -8.36 -2.53 -10.00
N NO3 D . -4.60 -13.80 27.76
O1 NO3 D . -5.24 -13.50 28.99
O2 NO3 D . -4.34 -15.15 27.40
O3 NO3 D . -4.20 -12.74 26.89
N NO3 E . 11.08 -18.57 22.36
O1 NO3 E . 11.94 -17.52 22.76
O2 NO3 E . 10.89 -19.70 23.19
O3 NO3 E . 10.37 -18.47 21.13
N NO3 F . 12.17 16.06 -22.44
O1 NO3 F . 11.43 16.74 -21.45
O2 NO3 F . 11.96 14.67 -22.64
O3 NO3 F . 13.12 16.76 -23.22
N NO3 G . 5.62 -13.29 -8.60
O1 NO3 G . 4.57 -13.65 -7.71
O2 NO3 G . 6.97 -13.54 -8.25
O3 NO3 G . 5.32 -12.67 -9.85
N NO3 H . -11.80 7.61 17.00
O1 NO3 H . -12.49 6.75 17.88
O2 NO3 H . -12.48 8.18 15.88
O3 NO3 H . -10.43 7.92 17.23
N NO3 I . 20.58 15.47 -5.93
O1 NO3 I . 20.25 16.66 -6.63
O2 NO3 I . 21.07 14.35 -6.62
O3 NO3 I . 20.43 15.43 -4.51
#